data_9UL1
#
_entry.id   9UL1
#
_cell.length_a   156.806
_cell.length_b   48.428
_cell.length_c   53.419
_cell.angle_alpha   90.000
_cell.angle_beta   100.466
_cell.angle_gamma   90.000
#
_symmetry.space_group_name_H-M   'C 1 2 1'
#
loop_
_entity.id
_entity.type
_entity.pdbx_description
1 polymer 'MHC class I antigen'
2 polymer Beta-2-microglobulin
3 polymer ALA-LEU-LEU-SER-SER-LYS-THR-SER-VAL
#
loop_
_entity_poly.entity_id
_entity_poly.type
_entity_poly.pdbx_seq_one_letter_code
_entity_poly.pdbx_strand_id
1 'polypeptide(L)'
;MGPHSLRYFYTAVSRPDRGDSRFFIVGYVDDTQFVRFDSDAPNAKMEPRAQWIKQEGPEYWDRETQISKEAAQNYRGSLN
NLRGYYNQSEAGSHTFQNMYGCYLGPDGLLLRGYHQFAYDGADYIALNEDLRSWTAADMAAQITKRKWKAAHEAERDRNY
LQGTCVEWLQKYLEMGKDTLQRAEPPKTHVTRHPSSDLGVTLRCWALGFYPKEISLTWQREGQDQSQDMELVETRPSGDG
TFQKWAALVVPPGEEQSYTCHVQHEGLQEPLTLRWD
;
A
2 'polypeptide(L)'
;ARPPKVQVYSRHPAENGKPNYLNCYVSGFHPPQIEIDLLKNGEKMNAEQSDLSFSKDWSFYLLVHTEFTPNAVDQYSCRV
KHVTLDKPKIVKWDRDH
;
B
3 'polypeptide(L)' ALLSSKTSV C
#
# COMPACT_ATOMS: atom_id res chain seq x y z
N MET A 1 -1.41 -14.59 17.59
CA MET A 1 -2.79 -14.26 17.99
C MET A 1 -3.63 -13.97 16.76
N GLY A 2 -2.97 -13.65 15.66
CA GLY A 2 -3.65 -13.21 14.47
C GLY A 2 -3.18 -13.93 13.21
N PRO A 3 -4.04 -13.94 12.13
CA PRO A 3 -3.48 -14.57 10.94
C PRO A 3 -2.34 -13.75 10.37
N HIS A 4 -1.41 -14.41 9.69
CA HIS A 4 -0.34 -13.71 9.01
C HIS A 4 -0.40 -13.97 7.50
N SER A 5 0.24 -13.11 6.72
CA SER A 5 0.21 -13.23 5.27
C SER A 5 1.55 -12.94 4.64
N LEU A 6 1.86 -13.65 3.55
CA LEU A 6 2.96 -13.34 2.67
C LEU A 6 2.31 -12.97 1.36
N ARG A 7 2.79 -11.92 0.69
CA ARG A 7 2.03 -11.31 -0.38
C ARG A 7 2.95 -10.53 -1.31
N TYR A 8 2.79 -10.74 -2.62
CA TYR A 8 3.62 -10.05 -3.60
C TYR A 8 2.72 -9.29 -4.52
N PHE A 9 3.24 -8.26 -5.17
CA PHE A 9 2.45 -7.41 -6.04
C PHE A 9 3.29 -7.14 -7.26
N TYR A 10 2.87 -7.66 -8.43
CA TYR A 10 3.57 -7.44 -9.68
C TYR A 10 2.83 -6.36 -10.45
N THR A 11 3.59 -5.44 -11.06
CA THR A 11 3.05 -4.45 -12.01
C THR A 11 3.85 -4.50 -13.32
N ALA A 12 3.20 -4.83 -14.41
CA ALA A 12 3.89 -4.70 -15.68
C ALA A 12 3.29 -3.57 -16.55
N VAL A 13 4.19 -2.72 -17.07
CA VAL A 13 3.82 -1.56 -17.90
C VAL A 13 4.56 -1.57 -19.23
N SER A 14 3.81 -1.43 -20.32
CA SER A 14 4.37 -1.43 -21.68
C SER A 14 4.64 -0.01 -22.04
N ARG A 15 5.73 0.22 -22.77
CA ARG A 15 6.02 1.52 -23.39
C ARG A 15 6.25 1.36 -24.90
N PRO A 16 5.16 1.31 -25.67
CA PRO A 16 5.20 1.03 -27.11
C PRO A 16 5.95 2.13 -27.86
N ASP A 17 5.74 3.37 -27.46
CA ASP A 17 6.45 4.48 -28.05
C ASP A 17 7.92 4.22 -27.79
N ARG A 18 8.21 3.84 -26.55
CA ARG A 18 9.53 3.32 -26.19
C ARG A 18 9.79 1.98 -26.86
N GLY A 19 8.73 1.16 -26.99
CA GLY A 19 8.85 -0.17 -27.55
C GLY A 19 9.29 -1.23 -26.55
N ASP A 20 9.30 -0.87 -25.27
CA ASP A 20 9.72 -1.78 -24.20
C ASP A 20 8.75 -1.76 -23.02
N SER A 21 8.97 -2.62 -22.04
CA SER A 21 8.13 -2.64 -20.85
C SER A 21 8.95 -2.52 -19.56
N ARG A 22 8.29 -2.08 -18.50
CA ARG A 22 8.92 -2.00 -17.18
C ARG A 22 8.23 -2.95 -16.19
N PHE A 23 9.02 -3.65 -15.39
CA PHE A 23 8.50 -4.62 -14.44
C PHE A 23 8.85 -4.31 -12.99
N PHE A 24 7.85 -4.30 -12.10
CA PHE A 24 8.06 -4.11 -10.66
C PHE A 24 7.64 -5.33 -9.85
N ILE A 25 8.39 -5.63 -8.80
CA ILE A 25 7.89 -6.51 -7.75
C ILE A 25 8.09 -5.82 -6.40
N VAL A 26 7.05 -5.87 -5.58
CA VAL A 26 7.21 -5.67 -4.14
C VAL A 26 6.62 -6.81 -3.28
N GLY A 27 7.35 -7.21 -2.24
CA GLY A 27 6.88 -8.24 -1.33
C GLY A 27 6.56 -7.71 0.05
N TYR A 28 5.52 -8.30 0.64
CA TYR A 28 5.05 -7.90 1.94
C TYR A 28 4.87 -9.11 2.84
N VAL A 29 5.27 -8.95 4.10
CA VAL A 29 4.84 -9.86 5.12
C VAL A 29 3.91 -9.02 5.96
N ASP A 30 2.64 -9.42 6.02
CA ASP A 30 1.64 -8.61 6.69
C ASP A 30 1.68 -7.23 6.05
N ASP A 31 1.79 -6.19 6.86
CA ASP A 31 1.84 -4.83 6.34
C ASP A 31 3.25 -4.35 6.03
N THR A 32 4.24 -5.19 6.27
CA THR A 32 5.63 -4.79 6.12
C THR A 32 6.27 -5.21 4.79
N GLN A 33 6.68 -4.23 4.00
CA GLN A 33 7.42 -4.51 2.79
C GLN A 33 8.81 -4.99 3.12
N PHE A 34 9.31 -5.95 2.37
CA PHE A 34 10.63 -6.48 2.64
C PHE A 34 11.53 -6.59 1.42
N VAL A 35 10.95 -6.62 0.23
CA VAL A 35 11.73 -6.74 -1.02
C VAL A 35 11.19 -5.84 -2.11
N ARG A 36 12.02 -5.45 -3.06
CA ARG A 36 11.53 -4.85 -4.31
C ARG A 36 12.41 -5.27 -5.47
N PHE A 37 11.85 -5.10 -6.67
CA PHE A 37 12.54 -5.28 -7.93
C PHE A 37 12.00 -4.28 -8.97
N ASP A 38 12.91 -3.72 -9.76
CA ASP A 38 12.58 -2.79 -10.85
C ASP A 38 13.44 -3.13 -12.07
N SER A 39 12.84 -3.40 -13.24
CA SER A 39 13.59 -3.83 -14.46
C SER A 39 14.40 -2.75 -15.21
N ASP A 40 13.99 -1.50 -15.04
CA ASP A 40 14.77 -0.39 -15.55
C ASP A 40 16.14 -0.24 -14.87
N ALA A 41 16.28 -0.71 -13.62
CA ALA A 41 17.58 -0.58 -12.93
C ALA A 41 18.67 -1.33 -13.69
N PRO A 42 19.84 -0.69 -13.82
CA PRO A 42 20.89 -1.16 -14.69
C PRO A 42 21.30 -2.62 -14.47
N ASN A 43 21.74 -2.99 -13.27
CA ASN A 43 22.01 -4.42 -13.09
C ASN A 43 20.96 -5.14 -12.23
N ALA A 44 19.70 -5.02 -12.64
CA ALA A 44 18.56 -5.29 -11.75
C ALA A 44 18.64 -6.55 -10.90
N LYS A 45 18.40 -6.38 -9.61
CA LYS A 45 18.42 -7.43 -8.60
C LYS A 45 17.16 -7.33 -7.72
N MET A 46 16.78 -8.43 -7.06
CA MET A 46 15.82 -8.39 -5.97
C MET A 46 16.56 -7.90 -4.75
N GLU A 47 15.99 -6.93 -4.04
CA GLU A 47 16.74 -6.15 -3.07
C GLU A 47 16.06 -6.01 -1.73
N PRO A 48 16.82 -6.14 -0.63
CA PRO A 48 16.20 -6.03 0.70
C PRO A 48 15.55 -4.68 0.88
N ARG A 49 14.51 -4.63 1.71
CA ARG A 49 13.84 -3.36 2.01
C ARG A 49 13.39 -3.27 3.47
N ALA A 50 13.87 -4.25 4.26
CA ALA A 50 13.79 -4.29 5.73
C ALA A 50 15.09 -4.89 6.26
N GLN A 51 15.41 -4.56 7.50
CA GLN A 51 16.72 -4.90 8.02
C GLN A 51 16.84 -6.40 8.11
N TRP A 52 15.74 -7.07 8.47
CA TRP A 52 15.76 -8.48 8.89
C TRP A 52 15.99 -9.51 7.80
N ILE A 53 15.60 -9.16 6.57
CA ILE A 53 15.78 -10.01 5.38
C ILE A 53 17.25 -10.06 4.97
N LYS A 54 17.99 -9.02 5.32
CA LYS A 54 19.39 -8.90 4.96
C LYS A 54 20.21 -10.01 5.61
N GLN A 55 19.63 -10.67 6.60
CA GLN A 55 20.30 -11.78 7.27
C GLN A 55 20.16 -13.07 6.43
N GLU A 56 19.63 -12.91 5.22
CA GLU A 56 19.67 -13.97 4.21
C GLU A 56 20.87 -13.84 3.28
N GLY A 57 21.46 -14.99 2.95
CA GLY A 57 22.63 -15.05 2.08
C GLY A 57 22.38 -14.88 0.59
N PRO A 58 23.45 -14.57 -0.16
CA PRO A 58 23.46 -14.43 -1.62
C PRO A 58 22.66 -15.51 -2.37
N GLU A 59 22.75 -16.77 -1.96
CA GLU A 59 22.03 -17.83 -2.68
C GLU A 59 20.51 -17.59 -2.72
N TYR A 60 19.98 -17.00 -1.64
CA TYR A 60 18.60 -16.53 -1.61
C TYR A 60 18.41 -15.50 -2.69
N TRP A 61 19.21 -14.43 -2.56
CA TRP A 61 19.26 -13.30 -3.48
C TRP A 61 19.45 -13.65 -4.94
N ASP A 62 20.33 -14.59 -5.26
CA ASP A 62 20.48 -15.05 -6.65
C ASP A 62 19.19 -15.71 -7.14
N ARG A 63 18.73 -16.71 -6.41
CA ARG A 63 17.49 -17.37 -6.75
C ARG A 63 16.38 -16.37 -7.07
N GLU A 64 16.03 -15.52 -6.12
CA GLU A 64 14.90 -14.61 -6.32
C GLU A 64 15.12 -13.72 -7.53
N THR A 65 16.36 -13.24 -7.69
CA THR A 65 16.73 -12.32 -8.76
C THR A 65 16.62 -13.00 -10.10
N GLN A 66 17.15 -14.22 -10.20
CA GLN A 66 16.91 -15.11 -11.33
C GLN A 66 15.42 -15.12 -11.69
N ILE A 67 14.57 -15.49 -10.75
CA ILE A 67 13.15 -15.68 -11.03
C ILE A 67 12.41 -14.39 -11.41
N SER A 68 12.72 -13.31 -10.70
CA SER A 68 12.27 -11.95 -11.00
C SER A 68 12.61 -11.50 -12.42
N LYS A 69 13.75 -11.96 -12.93
CA LYS A 69 14.19 -11.62 -14.28
C LYS A 69 13.47 -12.44 -15.37
N GLU A 70 13.16 -13.70 -15.06
CA GLU A 70 12.32 -14.53 -15.93
C GLU A 70 10.96 -13.84 -15.98
N ALA A 71 10.54 -13.32 -14.81
CA ALA A 71 9.19 -12.80 -14.70
C ALA A 71 9.04 -11.57 -15.57
N ALA A 72 9.96 -10.63 -15.42
CA ALA A 72 10.02 -9.54 -16.38
C ALA A 72 9.67 -10.01 -17.79
N GLN A 73 10.26 -11.11 -18.26
CA GLN A 73 10.09 -11.49 -19.67
C GLN A 73 8.77 -12.15 -20.00
N ASN A 74 8.33 -13.09 -19.17
CA ASN A 74 7.04 -13.71 -19.42
C ASN A 74 5.97 -12.65 -19.38
N TYR A 75 6.11 -11.72 -18.45
CA TYR A 75 5.19 -10.60 -18.34
C TYR A 75 5.22 -9.68 -19.56
N ARG A 76 6.40 -9.44 -20.11
CA ARG A 76 6.50 -8.63 -21.31
C ARG A 76 5.76 -9.33 -22.45
N GLY A 77 5.88 -10.65 -22.50
CA GLY A 77 5.16 -11.45 -23.48
C GLY A 77 3.66 -11.33 -23.28
N SER A 78 3.24 -11.29 -22.01
CA SER A 78 1.83 -11.20 -21.70
C SER A 78 1.22 -9.94 -22.26
N LEU A 79 1.96 -8.84 -22.14
CA LEU A 79 1.46 -7.56 -22.65
C LEU A 79 1.25 -7.62 -24.15
N ASN A 80 2.17 -8.25 -24.85
CA ASN A 80 2.05 -8.40 -26.30
C ASN A 80 0.84 -9.26 -26.65
N ASN A 81 0.67 -10.37 -25.94
CA ASN A 81 -0.45 -11.25 -26.18
C ASN A 81 -1.76 -10.52 -25.90
N LEU A 82 -1.77 -9.75 -24.83
CA LEU A 82 -2.96 -9.08 -24.38
C LEU A 82 -3.44 -8.16 -25.47
N ARG A 83 -2.49 -7.49 -26.12
CA ARG A 83 -2.83 -6.61 -27.21
C ARG A 83 -3.46 -7.44 -28.32
N GLY A 84 -2.90 -8.61 -28.57
CA GLY A 84 -3.40 -9.48 -29.62
C GLY A 84 -4.81 -9.96 -29.35
N TYR A 85 -5.06 -10.36 -28.10
CA TYR A 85 -6.37 -10.82 -27.69
C TYR A 85 -7.36 -9.68 -27.81
N TYR A 86 -6.94 -8.51 -27.40
CA TYR A 86 -7.81 -7.34 -27.40
C TYR A 86 -7.71 -6.59 -28.71
N ASN A 87 -6.84 -7.03 -29.60
CA ASN A 87 -6.63 -6.31 -30.84
C ASN A 87 -6.30 -4.87 -30.51
N GLN A 88 -5.47 -4.71 -29.49
CA GLN A 88 -5.14 -3.39 -28.95
C GLN A 88 -4.31 -2.53 -29.90
N SER A 89 -4.46 -1.22 -29.73
CA SER A 89 -3.74 -0.23 -30.51
C SER A 89 -2.24 -0.33 -30.33
N GLU A 90 -1.52 -0.06 -31.40
CA GLU A 90 -0.05 -0.16 -31.40
C GLU A 90 0.63 0.84 -30.46
N ALA A 91 0.11 2.05 -30.43
CA ALA A 91 0.80 3.15 -29.73
C ALA A 91 0.33 3.42 -28.32
N GLY A 92 -0.62 2.63 -27.81
CA GLY A 92 -1.20 2.91 -26.50
C GLY A 92 -0.62 2.07 -25.39
N SER A 93 -0.23 2.74 -24.32
CA SER A 93 0.34 2.08 -23.14
C SER A 93 -0.71 1.26 -22.39
N HIS A 94 -0.29 0.10 -21.89
CA HIS A 94 -1.21 -0.77 -21.16
C HIS A 94 -0.61 -1.28 -19.85
N THR A 95 -1.46 -1.65 -18.91
CA THR A 95 -1.01 -2.08 -17.60
C THR A 95 -1.49 -3.48 -17.22
N PHE A 96 -0.57 -4.32 -16.75
CA PHE A 96 -0.92 -5.66 -16.28
C PHE A 96 -0.44 -5.90 -14.85
N GLN A 97 -1.34 -6.37 -14.00
CA GLN A 97 -1.04 -6.57 -12.58
C GLN A 97 -1.36 -7.97 -12.08
N ASN A 98 -0.49 -8.49 -11.23
CA ASN A 98 -0.75 -9.75 -10.52
C ASN A 98 -0.44 -9.55 -9.03
N MET A 99 -1.37 -10.01 -8.19
CA MET A 99 -1.11 -10.06 -6.78
C MET A 99 -1.43 -11.44 -6.29
N TYR A 100 -0.53 -11.97 -5.47
CA TYR A 100 -0.78 -13.24 -4.84
C TYR A 100 -0.10 -13.34 -3.46
N GLY A 101 -0.54 -14.32 -2.67
CA GLY A 101 0.14 -14.70 -1.46
C GLY A 101 -0.72 -15.58 -0.60
N CYS A 102 -0.35 -15.66 0.67
CA CYS A 102 -0.77 -16.68 1.63
C CYS A 102 -1.32 -16.05 2.86
N TYR A 103 -2.50 -16.49 3.31
CA TYR A 103 -2.87 -16.31 4.71
C TYR A 103 -2.58 -17.55 5.56
N LEU A 104 -2.09 -17.35 6.78
CA LEU A 104 -1.67 -18.47 7.65
C LEU A 104 -2.45 -18.55 8.95
N GLY A 105 -3.18 -19.65 9.13
CA GLY A 105 -3.90 -19.87 10.36
C GLY A 105 -2.93 -20.20 11.49
N PRO A 106 -3.32 -19.93 12.75
CA PRO A 106 -2.48 -20.35 13.87
C PRO A 106 -2.49 -21.88 13.96
N ASP A 107 -3.20 -22.50 13.02
CA ASP A 107 -3.25 -23.95 12.85
C ASP A 107 -2.12 -24.46 11.93
N GLY A 108 -1.22 -23.57 11.55
CA GLY A 108 -0.06 -23.91 10.73
C GLY A 108 -0.42 -24.30 9.30
N LEU A 109 -1.69 -24.13 8.93
CA LEU A 109 -2.07 -24.36 7.56
C LEU A 109 -2.56 -23.10 6.86
N LEU A 110 -2.48 -23.14 5.54
CA LEU A 110 -3.02 -22.11 4.69
C LEU A 110 -4.53 -21.90 4.95
N LEU A 111 -4.92 -20.76 5.54
CA LEU A 111 -6.35 -20.44 5.60
C LEU A 111 -6.90 -20.19 4.20
N ARG A 112 -6.30 -19.22 3.52
CA ARG A 112 -6.73 -18.84 2.18
C ARG A 112 -5.56 -18.56 1.25
N GLY A 113 -5.72 -18.94 -0.01
CA GLY A 113 -4.72 -18.67 -1.02
C GLY A 113 -5.32 -17.87 -2.16
N TYR A 114 -4.62 -16.84 -2.62
CA TYR A 114 -5.12 -16.03 -3.72
C TYR A 114 -4.09 -15.76 -4.81
N HIS A 115 -4.49 -15.95 -6.06
CA HIS A 115 -3.74 -15.47 -7.20
C HIS A 115 -4.69 -14.75 -8.13
N GLN A 116 -4.44 -13.48 -8.42
CA GLN A 116 -5.36 -12.69 -9.23
C GLN A 116 -4.64 -11.78 -10.22
N PHE A 117 -5.33 -11.46 -11.31
CA PHE A 117 -4.76 -10.62 -12.35
C PHE A 117 -5.74 -9.57 -12.82
N ALA A 118 -5.22 -8.45 -13.29
CA ALA A 118 -6.05 -7.39 -13.86
C ALA A 118 -5.35 -6.77 -15.06
N TYR A 119 -6.13 -6.28 -16.01
CA TYR A 119 -5.58 -5.62 -17.16
C TYR A 119 -6.23 -4.26 -17.34
N ASP A 120 -5.40 -3.23 -17.53
CA ASP A 120 -5.84 -1.82 -17.44
C ASP A 120 -6.78 -1.52 -16.24
N GLY A 121 -6.36 -1.94 -15.04
CA GLY A 121 -7.11 -1.70 -13.80
C GLY A 121 -8.43 -2.45 -13.61
N ALA A 122 -8.77 -3.28 -14.60
CA ALA A 122 -9.97 -4.10 -14.53
C ALA A 122 -9.57 -5.56 -14.40
N ASP A 123 -10.28 -6.24 -13.51
CA ASP A 123 -10.09 -7.67 -13.27
C ASP A 123 -10.05 -8.48 -14.57
N TYR A 124 -9.09 -9.39 -14.66
CA TYR A 124 -8.95 -10.18 -15.85
C TYR A 124 -9.18 -11.65 -15.52
N ILE A 125 -8.39 -12.20 -14.58
CA ILE A 125 -8.52 -13.61 -14.17
C ILE A 125 -7.98 -13.85 -12.74
N ALA A 126 -8.54 -14.86 -12.08
CA ALA A 126 -8.20 -15.21 -10.71
C ALA A 126 -8.33 -16.69 -10.43
N LEU A 127 -7.35 -17.21 -9.71
CA LEU A 127 -7.47 -18.50 -9.06
C LEU A 127 -8.61 -18.48 -8.03
N ASN A 128 -9.45 -19.51 -8.04
CA ASN A 128 -10.47 -19.61 -7.02
C ASN A 128 -9.92 -20.15 -5.70
N GLU A 129 -10.74 -20.05 -4.66
CA GLU A 129 -10.41 -20.41 -3.27
C GLU A 129 -10.02 -21.89 -3.02
N ASP A 130 -10.68 -22.83 -3.72
CA ASP A 130 -10.35 -24.26 -3.61
C ASP A 130 -8.99 -24.51 -4.22
N LEU A 131 -8.49 -23.45 -4.88
CA LEU A 131 -7.22 -23.43 -5.59
C LEU A 131 -7.16 -24.50 -6.65
N ARG A 132 -8.25 -24.67 -7.39
CA ARG A 132 -8.30 -25.65 -8.49
C ARG A 132 -9.17 -25.24 -9.72
N SER A 133 -9.75 -24.05 -9.71
CA SER A 133 -10.36 -23.44 -10.90
C SER A 133 -10.09 -21.93 -10.98
N TRP A 134 -10.24 -21.37 -12.19
CA TRP A 134 -10.06 -19.93 -12.43
C TRP A 134 -11.40 -19.32 -12.72
N THR A 135 -11.55 -18.04 -12.40
CA THR A 135 -12.70 -17.28 -12.83
C THR A 135 -12.18 -16.38 -13.93
N ALA A 136 -12.82 -16.42 -15.09
CA ALA A 136 -12.46 -15.52 -16.19
C ALA A 136 -13.48 -14.40 -16.37
N ALA A 137 -12.99 -13.16 -16.22
CA ALA A 137 -13.79 -11.92 -16.29
C ALA A 137 -14.33 -11.57 -17.68
N ASP A 138 -13.76 -12.20 -18.71
CA ASP A 138 -14.20 -11.98 -20.10
C ASP A 138 -13.78 -13.06 -21.11
N MET A 139 -13.88 -12.72 -22.38
CA MET A 139 -13.58 -13.64 -23.47
C MET A 139 -12.09 -13.86 -23.64
N ALA A 140 -11.33 -12.75 -23.66
CA ALA A 140 -9.86 -12.80 -23.63
C ALA A 140 -9.26 -13.59 -22.45
N ALA A 141 -9.94 -13.61 -21.30
CA ALA A 141 -9.50 -14.43 -20.17
C ALA A 141 -9.83 -15.93 -20.34
N GLN A 142 -11.01 -16.22 -20.91
CA GLN A 142 -11.41 -17.60 -21.33
C GLN A 142 -10.31 -18.29 -22.11
N ILE A 143 -9.72 -17.51 -23.00
CA ILE A 143 -8.58 -17.97 -23.75
C ILE A 143 -7.50 -18.42 -22.76
N THR A 144 -7.00 -17.47 -21.97
CA THR A 144 -6.04 -17.76 -20.92
C THR A 144 -6.48 -18.95 -20.06
N LYS A 145 -7.71 -18.88 -19.57
CA LYS A 145 -8.36 -20.02 -18.87
C LYS A 145 -8.25 -21.37 -19.60
N ARG A 146 -8.42 -21.40 -20.93
CA ARG A 146 -8.21 -22.64 -21.67
C ARG A 146 -6.71 -22.92 -21.64
N LYS A 147 -5.90 -21.91 -21.97
CA LYS A 147 -4.44 -22.07 -22.09
C LYS A 147 -3.78 -22.53 -20.80
N TRP A 148 -4.21 -21.97 -19.67
CA TRP A 148 -3.69 -22.38 -18.37
C TRP A 148 -4.32 -23.70 -17.89
N LYS A 149 -5.59 -23.91 -18.23
CA LYS A 149 -6.28 -25.16 -17.98
C LYS A 149 -5.49 -26.38 -18.44
N ALA A 150 -4.85 -26.25 -19.60
CA ALA A 150 -4.11 -27.34 -20.20
C ALA A 150 -2.77 -27.50 -19.53
N ALA A 151 -2.10 -26.37 -19.29
CA ALA A 151 -0.78 -26.36 -18.68
C ALA A 151 -0.84 -26.91 -17.27
N HIS A 152 -2.04 -26.92 -16.69
CA HIS A 152 -2.25 -27.52 -15.38
C HIS A 152 -1.56 -26.69 -14.29
N GLU A 153 -1.46 -25.38 -14.49
CA GLU A 153 -0.58 -24.65 -13.61
C GLU A 153 -1.19 -24.23 -12.28
N ALA A 154 -2.52 -24.30 -12.17
CA ALA A 154 -3.21 -24.30 -10.89
C ALA A 154 -2.69 -25.42 -9.96
N GLU A 155 -2.19 -26.51 -10.54
CA GLU A 155 -1.42 -27.56 -9.84
C GLU A 155 -0.15 -26.92 -9.31
N ARG A 156 0.60 -26.30 -10.22
CA ARG A 156 1.83 -25.60 -9.90
C ARG A 156 1.57 -24.58 -8.78
N ASP A 157 0.39 -23.97 -8.82
CA ASP A 157 0.05 -22.81 -8.00
C ASP A 157 -0.45 -23.17 -6.60
N ARG A 158 -1.40 -24.09 -6.52
CA ARG A 158 -1.83 -24.66 -5.24
C ARG A 158 -0.68 -25.26 -4.42
N ASN A 159 0.30 -25.86 -5.09
CA ASN A 159 1.48 -26.48 -4.47
C ASN A 159 2.40 -25.45 -3.83
N TYR A 160 2.59 -24.34 -4.54
CA TYR A 160 3.43 -23.27 -4.07
C TYR A 160 2.72 -22.58 -2.89
N LEU A 161 1.44 -22.28 -3.11
CA LEU A 161 0.64 -21.63 -2.12
C LEU A 161 0.53 -22.45 -0.84
N GLN A 162 0.21 -23.73 -1.01
CA GLN A 162 0.04 -24.62 0.14
C GLN A 162 1.35 -25.13 0.71
N GLY A 163 2.45 -24.93 0.00
CA GLY A 163 3.73 -25.41 0.48
C GLY A 163 4.69 -24.26 0.63
N THR A 164 5.19 -23.83 -0.52
CA THR A 164 6.37 -23.00 -0.53
C THR A 164 6.16 -21.63 0.17
N CYS A 165 5.00 -21.03 -0.11
CA CYS A 165 4.66 -19.71 0.35
C CYS A 165 4.35 -19.75 1.83
N VAL A 166 3.51 -20.70 2.23
CA VAL A 166 3.32 -20.98 3.64
C VAL A 166 4.66 -21.23 4.34
N GLU A 167 5.57 -21.95 3.70
CA GLU A 167 6.86 -22.32 4.27
C GLU A 167 7.71 -21.08 4.48
N TRP A 168 7.83 -20.24 3.45
CA TRP A 168 8.67 -19.05 3.61
C TRP A 168 8.08 -17.98 4.54
N LEU A 169 6.76 -17.93 4.56
CA LEU A 169 6.07 -17.03 5.42
C LEU A 169 6.55 -17.30 6.84
N GLN A 170 6.43 -18.55 7.27
CA GLN A 170 6.91 -18.92 8.60
C GLN A 170 8.37 -18.56 8.85
N LYS A 171 9.26 -18.82 7.88
CA LYS A 171 10.68 -18.51 8.07
C LYS A 171 10.85 -17.02 8.25
N TYR A 172 10.14 -16.21 7.46
CA TYR A 172 10.20 -14.75 7.56
C TYR A 172 9.78 -14.26 8.94
N LEU A 173 8.71 -14.84 9.46
CA LEU A 173 8.25 -14.52 10.80
C LEU A 173 9.30 -14.73 11.90
N GLU A 174 10.02 -15.86 11.86
CA GLU A 174 11.13 -16.07 12.81
C GLU A 174 12.23 -15.05 12.61
N MET A 175 12.67 -14.88 11.38
CA MET A 175 13.75 -13.95 11.12
C MET A 175 13.45 -12.57 11.66
N GLY A 176 12.23 -12.07 11.47
CA GLY A 176 11.90 -10.70 11.85
C GLY A 176 10.89 -10.62 12.99
N LYS A 177 10.98 -11.54 13.93
CA LYS A 177 10.00 -11.60 15.00
C LYS A 177 9.93 -10.35 15.89
N ASP A 178 11.07 -9.67 16.06
CA ASP A 178 11.19 -8.45 16.90
C ASP A 178 10.40 -7.30 16.35
N THR A 179 10.02 -7.42 15.07
CA THR A 179 9.24 -6.38 14.39
C THR A 179 7.95 -6.95 13.84
N LEU A 180 8.04 -8.01 13.05
CA LEU A 180 6.83 -8.64 12.45
C LEU A 180 5.85 -9.20 13.49
N GLN A 181 6.34 -9.55 14.67
CA GLN A 181 5.44 -10.21 15.61
C GLN A 181 5.05 -9.41 16.84
N ARG A 182 5.40 -8.12 16.83
CA ARG A 182 5.05 -7.14 17.86
C ARG A 182 4.05 -6.08 17.34
N ALA A 183 2.89 -5.97 17.96
CA ALA A 183 2.04 -4.83 17.69
C ALA A 183 2.62 -3.57 18.36
N GLU A 184 2.53 -2.46 17.63
CA GLU A 184 2.98 -1.20 18.12
C GLU A 184 1.71 -0.37 18.25
N PRO A 185 1.31 -0.08 19.50
CA PRO A 185 0.15 0.67 19.94
C PRO A 185 0.35 2.09 19.50
N PRO A 186 -0.75 2.81 19.21
CA PRO A 186 -0.59 4.14 18.68
C PRO A 186 -0.34 5.10 19.84
N LYS A 187 0.52 6.09 19.63
CA LYS A 187 0.61 7.27 20.49
C LYS A 187 -0.58 8.18 20.14
N THR A 188 -1.36 8.56 21.14
CA THR A 188 -2.58 9.27 20.87
C THR A 188 -2.66 10.58 21.66
N HIS A 189 -3.34 11.56 21.06
CA HIS A 189 -3.69 12.74 21.83
C HIS A 189 -4.82 13.41 21.14
N VAL A 190 -5.37 14.43 21.78
CA VAL A 190 -6.52 15.19 21.29
C VAL A 190 -6.08 16.61 21.12
N THR A 191 -6.38 17.19 19.96
CA THR A 191 -6.13 18.64 19.77
C THR A 191 -7.43 19.43 19.71
N ARG A 192 -7.30 20.77 19.72
CA ARG A 192 -8.43 21.69 19.75
C ARG A 192 -8.20 22.89 18.81
N HIS A 193 -9.14 23.10 17.88
CA HIS A 193 -9.00 24.14 16.88
C HIS A 193 -10.34 24.80 16.73
N PRO A 194 -10.36 26.14 16.74
CA PRO A 194 -11.64 26.83 16.72
C PRO A 194 -12.20 27.02 15.30
N SER A 195 -12.83 25.99 14.74
CA SER A 195 -13.39 26.07 13.39
C SER A 195 -14.44 27.19 13.25
N SER A 196 -14.89 27.68 14.40
CA SER A 196 -15.83 28.77 14.48
C SER A 196 -15.79 29.32 15.91
N ASP A 197 -15.93 30.63 16.04
CA ASP A 197 -16.11 31.28 17.33
C ASP A 197 -17.01 30.40 18.18
N LEU A 198 -18.13 29.99 17.59
CA LEU A 198 -19.03 29.06 18.22
C LEU A 198 -19.09 27.76 17.40
N GLY A 199 -17.92 27.14 17.23
CA GLY A 199 -17.80 25.85 16.56
C GLY A 199 -16.38 25.34 16.72
N VAL A 200 -16.11 24.67 17.84
CA VAL A 200 -14.77 24.15 18.12
C VAL A 200 -14.50 22.73 17.59
N THR A 201 -13.41 22.56 16.84
CA THR A 201 -13.01 21.25 16.36
C THR A 201 -12.12 20.49 17.35
N LEU A 202 -12.54 19.27 17.68
CA LEU A 202 -11.68 18.31 18.37
C LEU A 202 -11.21 17.20 17.43
N ARG A 203 -9.91 17.02 17.40
CA ARG A 203 -9.31 16.00 16.55
C ARG A 203 -8.59 14.98 17.41
N CYS A 204 -9.05 13.74 17.32
CA CYS A 204 -8.39 12.65 18.00
C CYS A 204 -7.34 12.04 17.09
N TRP A 205 -6.11 12.02 17.60
CA TRP A 205 -4.92 11.68 16.82
C TRP A 205 -4.40 10.31 17.21
N ALA A 206 -4.03 9.49 16.24
CA ALA A 206 -3.38 8.20 16.51
C ALA A 206 -2.22 7.96 15.55
N LEU A 207 -1.01 7.92 16.12
CA LEU A 207 0.26 7.93 15.37
C LEU A 207 1.19 6.78 15.76
N GLY A 208 2.06 6.35 14.86
CA GLY A 208 3.04 5.31 15.21
C GLY A 208 2.51 3.88 15.31
N PHE A 209 1.31 3.60 14.79
CA PHE A 209 0.74 2.27 15.05
C PHE A 209 0.96 1.22 13.96
N TYR A 210 1.37 0.04 14.40
CA TYR A 210 1.48 -1.15 13.56
C TYR A 210 0.83 -2.34 14.32
N PRO A 211 0.00 -3.22 13.65
CA PRO A 211 -0.19 -3.02 12.22
C PRO A 211 -1.29 -2.01 11.86
N LYS A 212 -1.68 -2.02 10.60
CA LYS A 212 -2.50 -0.97 10.00
C LYS A 212 -3.91 -0.77 10.56
N GLU A 213 -4.60 -1.86 10.88
CA GLU A 213 -6.01 -1.76 11.31
C GLU A 213 -6.20 -1.06 12.66
N ILE A 214 -7.25 -0.25 12.76
CA ILE A 214 -7.51 0.57 13.94
C ILE A 214 -8.99 1.02 13.96
N SER A 215 -9.49 1.34 15.16
CA SER A 215 -10.84 1.81 15.38
C SER A 215 -10.82 3.11 16.21
N LEU A 216 -11.36 4.16 15.62
CA LEU A 216 -11.45 5.44 16.27
C LEU A 216 -12.90 5.89 16.21
N THR A 217 -13.54 5.89 17.37
CA THR A 217 -14.87 6.44 17.53
C THR A 217 -14.85 7.57 18.59
N TRP A 218 -15.83 8.45 18.48
CA TRP A 218 -16.03 9.58 19.36
C TRP A 218 -17.37 9.42 20.04
N GLN A 219 -17.41 9.57 21.36
CA GLN A 219 -18.67 9.44 22.08
C GLN A 219 -18.90 10.56 23.08
N ARG A 220 -20.16 10.89 23.29
CA ARG A 220 -20.55 11.74 24.40
C ARG A 220 -21.46 10.95 25.33
N GLU A 221 -21.04 10.75 26.57
CA GLU A 221 -21.88 10.07 27.55
C GLU A 221 -22.39 8.73 27.02
N GLY A 222 -21.50 7.96 26.42
CA GLY A 222 -21.88 6.66 25.88
C GLY A 222 -22.68 6.76 24.59
N GLN A 223 -22.61 7.91 23.93
CA GLN A 223 -23.32 8.11 22.69
C GLN A 223 -22.36 8.32 21.52
N ASP A 224 -22.60 7.60 20.43
CA ASP A 224 -21.70 7.61 19.28
C ASP A 224 -22.33 8.28 18.05
N GLN A 225 -21.57 9.15 17.40
CA GLN A 225 -22.06 9.87 16.24
C GLN A 225 -20.98 10.04 15.16
N SER A 226 -20.65 8.93 14.52
CA SER A 226 -19.75 8.91 13.36
C SER A 226 -20.43 9.40 12.08
N GLN A 227 -21.76 9.53 12.12
CA GLN A 227 -22.47 10.25 11.06
C GLN A 227 -21.86 11.65 10.95
N ASP A 228 -21.32 12.14 12.07
CA ASP A 228 -20.77 13.49 12.14
C ASP A 228 -19.24 13.64 12.05
N MET A 229 -18.49 12.68 12.62
CA MET A 229 -17.03 12.83 12.69
C MET A 229 -16.38 12.78 11.32
N GLU A 230 -15.34 13.60 11.14
CA GLU A 230 -14.48 13.51 9.98
C GLU A 230 -13.33 12.54 10.27
N LEU A 231 -13.19 11.58 9.37
CA LEU A 231 -12.20 10.52 9.50
C LEU A 231 -11.25 10.59 8.31
N VAL A 232 -9.97 10.43 8.56
CA VAL A 232 -9.09 10.34 7.42
C VAL A 232 -8.80 8.89 7.17
N GLU A 233 -8.37 8.63 5.96
CA GLU A 233 -7.95 7.33 5.56
C GLU A 233 -6.62 7.05 6.25
N THR A 234 -6.50 5.91 6.93
CA THR A 234 -5.21 5.42 7.43
C THR A 234 -4.06 5.62 6.43
N ARG A 235 -3.00 6.31 6.87
CA ARG A 235 -1.90 6.68 5.98
C ARG A 235 -0.57 6.28 6.60
N PRO A 236 0.44 5.87 5.80
CA PRO A 236 1.64 5.37 6.46
C PRO A 236 2.52 6.54 7.06
N SER A 237 3.33 6.22 8.08
CA SER A 237 4.12 7.23 8.83
C SER A 237 5.42 7.55 8.12
N GLY A 238 5.84 6.66 7.22
CA GLY A 238 7.16 6.77 6.59
C GLY A 238 8.16 5.78 7.15
N ASP A 239 7.93 5.28 8.36
CA ASP A 239 8.93 4.47 9.03
C ASP A 239 8.41 3.10 9.34
N GLY A 240 7.37 2.64 8.63
CA GLY A 240 6.83 1.31 8.84
C GLY A 240 5.62 1.22 9.76
N THR A 241 4.98 2.35 10.02
CA THR A 241 3.92 2.44 10.99
C THR A 241 2.91 3.34 10.37
N PHE A 242 1.73 3.44 10.94
CA PHE A 242 0.69 4.21 10.33
C PHE A 242 0.13 5.26 11.25
N GLN A 243 -0.81 6.02 10.72
CA GLN A 243 -1.32 7.20 11.34
C GLN A 243 -2.75 7.39 10.82
N LYS A 244 -3.66 7.79 11.72
CA LYS A 244 -5.03 8.14 11.43
C LYS A 244 -5.52 9.21 12.42
N TRP A 245 -6.54 9.97 12.00
CA TRP A 245 -7.32 10.78 12.93
C TRP A 245 -8.80 10.80 12.59
N ALA A 246 -9.57 11.20 13.59
CA ALA A 246 -11.00 11.32 13.48
C ALA A 246 -11.27 12.58 14.29
N ALA A 247 -12.11 13.45 13.75
CA ALA A 247 -12.35 14.80 14.24
C ALA A 247 -13.83 15.15 14.21
N LEU A 248 -14.28 15.97 15.16
CA LEU A 248 -15.65 16.50 15.17
C LEU A 248 -15.74 17.93 15.72
N VAL A 249 -16.78 18.64 15.31
CA VAL A 249 -17.11 19.96 15.86
C VAL A 249 -18.07 19.82 17.04
N VAL A 250 -17.73 20.47 18.15
CA VAL A 250 -18.51 20.43 19.39
C VAL A 250 -18.86 21.85 19.81
N PRO A 251 -20.00 22.04 20.47
CA PRO A 251 -20.33 23.35 21.02
C PRO A 251 -19.35 23.74 22.13
N PRO A 252 -18.80 24.96 22.03
CA PRO A 252 -17.83 25.58 22.96
C PRO A 252 -18.22 25.42 24.42
N GLY A 253 -17.29 24.93 25.23
CA GLY A 253 -17.56 24.69 26.63
C GLY A 253 -18.12 23.29 26.87
N GLU A 254 -18.34 22.54 25.80
CA GLU A 254 -18.87 21.18 25.95
C GLU A 254 -17.83 20.09 25.67
N GLU A 255 -16.61 20.53 25.34
CA GLU A 255 -15.43 19.68 25.17
C GLU A 255 -15.32 18.48 26.14
N GLN A 256 -15.43 18.72 27.45
CA GLN A 256 -15.26 17.64 28.42
C GLN A 256 -16.25 16.50 28.23
N SER A 257 -17.38 16.78 27.56
CA SER A 257 -18.45 15.79 27.41
C SER A 257 -18.27 14.91 26.17
N TYR A 258 -17.11 15.05 25.53
CA TYR A 258 -16.75 14.22 24.41
C TYR A 258 -15.55 13.32 24.68
N THR A 259 -15.72 12.06 24.30
CA THR A 259 -14.72 11.02 24.52
C THR A 259 -14.42 10.29 23.22
N CYS A 260 -13.15 10.27 22.88
CA CYS A 260 -12.68 9.60 21.71
C CYS A 260 -12.24 8.21 22.14
N HIS A 261 -12.74 7.18 21.47
CA HIS A 261 -12.43 5.80 21.84
C HIS A 261 -11.53 5.13 20.79
N VAL A 262 -10.56 4.36 21.26
CA VAL A 262 -9.49 3.89 20.39
C VAL A 262 -9.24 2.43 20.66
N GLN A 263 -9.33 1.60 19.62
CA GLN A 263 -9.16 0.18 19.83
C GLN A 263 -7.95 -0.22 18.98
N HIS A 264 -7.02 -1.03 19.49
CA HIS A 264 -5.91 -1.51 18.65
C HIS A 264 -5.15 -2.72 19.23
N GLU A 265 -4.74 -3.64 18.37
CA GLU A 265 -4.06 -4.86 18.82
C GLU A 265 -2.96 -4.58 19.85
N GLY A 266 -2.15 -3.55 19.59
CA GLY A 266 -1.07 -3.19 20.50
C GLY A 266 -1.45 -2.67 21.88
N LEU A 267 -2.64 -2.09 21.99
CA LEU A 267 -3.17 -1.59 23.24
C LEU A 267 -3.39 -2.65 24.33
N GLN A 268 -2.98 -2.33 25.55
CA GLN A 268 -3.37 -3.14 26.69
C GLN A 268 -4.88 -3.31 26.80
N GLU A 269 -5.58 -2.19 26.72
CA GLU A 269 -7.00 -2.13 26.84
C GLU A 269 -7.43 -0.94 25.96
N PRO A 270 -8.60 -1.02 25.31
CA PRO A 270 -9.12 0.17 24.60
C PRO A 270 -8.95 1.47 25.41
N LEU A 271 -8.55 2.58 24.76
CA LEU A 271 -8.45 3.87 25.51
C LEU A 271 -9.29 5.02 25.03
N THR A 272 -10.09 5.53 25.96
CA THR A 272 -10.99 6.65 25.71
C THR A 272 -10.30 7.93 26.19
N LEU A 273 -10.38 8.98 25.39
CA LEU A 273 -9.70 10.22 25.70
C LEU A 273 -10.61 11.42 25.61
N ARG A 274 -10.35 12.38 26.50
CA ARG A 274 -11.05 13.63 26.57
C ARG A 274 -10.01 14.70 26.35
N TRP A 275 -10.45 15.87 25.93
CA TRP A 275 -9.60 17.05 25.85
C TRP A 275 -9.18 17.52 27.26
N ASP A 276 -8.03 18.20 27.34
CA ASP A 276 -7.45 18.63 28.62
C ASP A 276 -6.30 19.64 28.41
N ALA B 1 -10.17 4.43 -15.48
CA ALA B 1 -9.20 5.47 -15.15
C ALA B 1 -9.66 6.14 -13.86
N ARG B 2 -8.77 6.19 -12.86
CA ARG B 2 -9.15 6.70 -11.55
C ARG B 2 -8.28 7.86 -11.08
N PRO B 3 -8.93 9.00 -10.63
CA PRO B 3 -8.04 10.04 -10.16
C PRO B 3 -7.42 9.74 -8.79
N PRO B 4 -6.28 10.45 -8.43
CA PRO B 4 -5.71 10.03 -7.14
C PRO B 4 -6.09 10.93 -5.97
N LYS B 5 -6.30 10.30 -4.81
CA LYS B 5 -6.47 10.99 -3.53
C LYS B 5 -5.09 11.40 -3.04
N VAL B 6 -5.06 12.41 -2.16
CA VAL B 6 -3.82 12.98 -1.70
C VAL B 6 -4.03 13.48 -0.29
N GLN B 7 -3.18 13.03 0.62
CA GLN B 7 -3.11 13.58 1.97
C GLN B 7 -1.69 14.01 2.19
N VAL B 8 -1.53 15.15 2.84
CA VAL B 8 -0.23 15.76 3.10
C VAL B 8 -0.11 16.03 4.60
N TYR B 9 0.93 15.50 5.24
CA TYR B 9 1.04 15.51 6.70
C TYR B 9 2.47 15.18 7.06
N SER B 10 2.82 15.55 8.29
CA SER B 10 4.12 15.33 8.87
C SER B 10 4.10 14.02 9.62
N ARG B 11 5.19 13.25 9.61
CA ARG B 11 5.24 12.04 10.42
C ARG B 11 4.97 12.26 11.92
N HIS B 12 5.49 13.33 12.52
CA HIS B 12 5.27 13.54 13.96
C HIS B 12 4.47 14.79 14.15
N PRO B 13 3.94 15.01 15.36
CA PRO B 13 3.32 16.30 15.65
C PRO B 13 4.30 17.47 15.43
N ALA B 14 3.81 18.50 14.76
CA ALA B 14 4.60 19.53 14.11
C ALA B 14 5.00 20.65 15.06
N GLU B 15 6.27 20.69 15.42
CA GLU B 15 6.79 21.61 16.42
C GLU B 15 7.92 22.50 15.86
N ASN B 16 7.70 23.81 15.87
CA ASN B 16 8.58 24.75 15.18
C ASN B 16 10.04 24.56 15.59
N GLY B 17 10.94 24.59 14.61
CA GLY B 17 12.37 24.33 14.83
C GLY B 17 12.85 22.93 15.19
N LYS B 18 11.94 21.98 15.40
CA LYS B 18 12.35 20.59 15.56
C LYS B 18 12.38 19.94 14.21
N PRO B 19 13.25 18.93 14.03
CA PRO B 19 13.32 18.22 12.76
C PRO B 19 12.18 17.20 12.67
N ASN B 20 11.59 17.07 11.48
CA ASN B 20 10.44 16.20 11.28
C ASN B 20 10.60 15.44 9.98
N TYR B 21 9.52 14.87 9.49
CA TYR B 21 9.48 14.30 8.14
C TYR B 21 8.17 14.74 7.52
N LEU B 22 8.19 15.13 6.25
CA LEU B 22 6.98 15.50 5.56
C LEU B 22 6.58 14.46 4.52
N ASN B 23 5.35 14.00 4.59
CA ASN B 23 4.89 12.95 3.72
C ASN B 23 3.86 13.49 2.77
N CYS B 24 3.79 12.86 1.61
CA CYS B 24 2.66 13.05 0.73
C CYS B 24 2.22 11.70 0.17
N TYR B 25 1.04 11.28 0.61
CA TYR B 25 0.48 9.98 0.32
C TYR B 25 -0.59 10.08 -0.76
N VAL B 26 -0.34 9.39 -1.86
CA VAL B 26 -1.09 9.58 -3.08
C VAL B 26 -1.58 8.17 -3.46
N SER B 27 -2.90 7.98 -3.48
CA SER B 27 -3.49 6.61 -3.55
C SER B 27 -4.75 6.55 -4.43
N GLY B 28 -5.25 5.36 -4.73
CA GLY B 28 -6.51 5.23 -5.55
C GLY B 28 -6.48 5.64 -7.02
N PHE B 29 -5.30 5.66 -7.63
CA PHE B 29 -5.14 6.12 -9.03
C PHE B 29 -4.85 5.02 -10.09
N HIS B 30 -5.20 5.32 -11.32
CA HIS B 30 -4.99 4.39 -12.43
C HIS B 30 -5.14 5.23 -13.68
N PRO B 31 -4.20 5.12 -14.62
CA PRO B 31 -3.05 4.23 -14.51
C PRO B 31 -1.92 4.77 -13.61
N PRO B 32 -0.80 4.03 -13.55
CA PRO B 32 0.31 4.07 -12.59
C PRO B 32 1.29 5.24 -12.78
N GLN B 33 1.31 5.83 -13.96
CA GLN B 33 2.27 6.89 -14.28
C GLN B 33 1.87 8.17 -13.57
N ILE B 34 2.84 8.85 -12.97
CA ILE B 34 2.46 10.00 -12.18
C ILE B 34 3.68 10.77 -11.66
N GLU B 35 3.47 12.04 -11.38
CA GLU B 35 4.57 12.89 -10.95
C GLU B 35 4.12 13.54 -9.66
N ILE B 36 4.88 13.32 -8.60
CA ILE B 36 4.58 13.93 -7.31
C ILE B 36 5.81 14.67 -6.84
N ASP B 37 5.63 15.93 -6.50
CA ASP B 37 6.71 16.78 -5.98
C ASP B 37 6.30 17.41 -4.66
N LEU B 38 7.27 17.53 -3.77
CA LEU B 38 7.09 18.30 -2.57
C LEU B 38 7.69 19.67 -2.78
N LEU B 39 7.02 20.68 -2.26
CA LEU B 39 7.38 22.07 -2.46
C LEU B 39 7.52 22.77 -1.12
N LYS B 40 8.54 23.64 -1.02
CA LYS B 40 8.74 24.55 0.10
C LYS B 40 8.80 25.92 -0.52
N ASN B 41 7.68 26.64 -0.36
CA ASN B 41 7.37 27.89 -1.04
C ASN B 41 7.49 27.79 -2.55
N GLY B 42 6.62 26.97 -3.15
CA GLY B 42 6.61 26.72 -4.61
C GLY B 42 7.84 26.03 -5.17
N GLU B 43 8.81 25.77 -4.30
CA GLU B 43 10.12 25.31 -4.73
C GLU B 43 10.35 23.82 -4.51
N LYS B 44 10.47 23.08 -5.62
CA LYS B 44 10.59 21.63 -5.59
C LYS B 44 11.64 21.12 -4.60
N MET B 45 11.21 20.32 -3.63
CA MET B 45 12.12 19.73 -2.67
C MET B 45 12.69 18.42 -3.17
N ASN B 46 13.90 18.10 -2.72
CA ASN B 46 14.50 16.82 -3.00
C ASN B 46 13.91 15.79 -2.02
N ALA B 47 13.13 14.84 -2.54
CA ALA B 47 12.37 13.89 -1.72
C ALA B 47 12.53 12.44 -2.18
N GLU B 48 12.20 11.49 -1.29
CA GLU B 48 12.15 10.05 -1.62
C GLU B 48 10.73 9.66 -1.97
N GLN B 49 10.63 8.64 -2.83
CA GLN B 49 9.37 8.05 -3.26
C GLN B 49 9.44 6.51 -3.08
N SER B 50 8.43 5.91 -2.44
CA SER B 50 8.35 4.47 -2.19
C SER B 50 8.17 3.63 -3.47
N ASP B 51 8.49 2.35 -3.42
CA ASP B 51 8.25 1.44 -4.53
C ASP B 51 6.79 1.41 -4.92
N LEU B 52 6.47 1.81 -6.15
CA LEU B 52 5.10 1.57 -6.70
C LEU B 52 4.44 0.26 -6.24
N SER B 53 3.21 0.37 -5.72
CA SER B 53 2.40 -0.77 -5.24
C SER B 53 0.92 -0.38 -5.35
N PHE B 54 0.05 -1.30 -4.97
CA PHE B 54 -1.36 -1.07 -5.22
C PHE B 54 -2.24 -1.86 -4.28
N SER B 55 -3.47 -1.39 -4.15
CA SER B 55 -4.46 -1.99 -3.26
C SER B 55 -5.32 -3.10 -3.94
N LYS B 56 -6.22 -3.69 -3.15
CA LYS B 56 -7.16 -4.75 -3.52
C LYS B 56 -8.05 -4.43 -4.73
N ASP B 57 -8.29 -3.14 -4.98
CA ASP B 57 -9.12 -2.66 -6.09
C ASP B 57 -8.24 -2.23 -7.30
N TRP B 58 -7.02 -2.76 -7.32
CA TRP B 58 -6.01 -2.50 -8.35
C TRP B 58 -5.44 -1.06 -8.40
N SER B 59 -5.93 -0.18 -7.53
CA SER B 59 -5.50 1.22 -7.58
C SER B 59 -4.16 1.37 -6.92
N PHE B 60 -3.32 2.20 -7.53
CA PHE B 60 -1.96 2.31 -7.06
C PHE B 60 -1.78 3.25 -5.87
N TYR B 61 -0.72 3.07 -5.13
CA TYR B 61 -0.43 4.07 -4.12
C TYR B 61 1.06 4.34 -4.01
N LEU B 62 1.38 5.55 -3.54
CA LEU B 62 2.76 5.96 -3.41
C LEU B 62 2.94 6.92 -2.23
N LEU B 63 4.06 6.80 -1.54
CA LEU B 63 4.44 7.80 -0.51
C LEU B 63 5.68 8.62 -0.91
N VAL B 64 5.51 9.92 -1.07
CA VAL B 64 6.66 10.77 -1.35
C VAL B 64 7.04 11.57 -0.07
N HIS B 65 8.28 11.42 0.36
CA HIS B 65 8.69 11.98 1.66
C HIS B 65 10.10 12.54 1.74
N THR B 66 10.31 13.40 2.71
CA THR B 66 11.58 14.08 2.90
C THR B 66 11.61 14.57 4.32
N GLU B 67 12.82 14.70 4.86
CA GLU B 67 13.06 15.37 6.13
C GLU B 67 12.74 16.84 5.99
N PHE B 68 12.04 17.38 6.99
CA PHE B 68 11.84 18.81 7.07
C PHE B 68 11.91 19.44 8.48
N THR B 69 11.84 20.77 8.46
CA THR B 69 11.75 21.59 9.64
C THR B 69 10.71 22.68 9.39
N PRO B 70 9.49 22.42 9.89
CA PRO B 70 8.52 23.49 10.00
C PRO B 70 9.04 24.57 10.99
N ASN B 71 8.55 25.79 10.78
CA ASN B 71 8.85 26.93 11.57
C ASN B 71 7.61 27.81 11.45
N ALA B 72 7.67 29.06 11.88
CA ALA B 72 6.49 29.90 11.83
C ALA B 72 6.01 30.22 10.40
N VAL B 73 6.94 30.38 9.46
CA VAL B 73 6.61 30.96 8.14
C VAL B 73 6.74 30.04 6.91
N ASP B 74 7.63 29.05 6.98
CA ASP B 74 7.79 28.10 5.87
C ASP B 74 6.47 27.55 5.39
N GLN B 75 6.23 27.59 4.09
CA GLN B 75 4.99 27.05 3.54
C GLN B 75 5.23 25.90 2.57
N TYR B 76 4.63 24.75 2.87
CA TYR B 76 4.90 23.51 2.14
C TYR B 76 3.69 22.97 1.40
N SER B 77 3.91 22.33 0.26
CA SER B 77 2.81 21.64 -0.41
C SER B 77 3.24 20.43 -1.22
N CYS B 78 2.27 19.62 -1.60
CA CYS B 78 2.50 18.50 -2.48
C CYS B 78 1.83 18.82 -3.81
N ARG B 79 2.57 18.61 -4.91
CA ARG B 79 2.00 18.76 -6.26
C ARG B 79 1.96 17.48 -7.06
N VAL B 80 0.78 17.15 -7.54
CA VAL B 80 0.57 15.91 -8.28
C VAL B 80 0.00 16.17 -9.65
N LYS B 81 0.53 15.46 -10.66
CA LYS B 81 -0.01 15.51 -12.03
C LYS B 81 -0.23 14.09 -12.50
N HIS B 82 -1.38 13.86 -13.15
CA HIS B 82 -1.81 12.55 -13.60
C HIS B 82 -2.72 12.79 -14.80
N VAL B 83 -2.67 11.86 -15.74
CA VAL B 83 -3.50 11.89 -16.95
C VAL B 83 -4.99 12.10 -16.70
N THR B 84 -5.48 11.66 -15.54
CA THR B 84 -6.87 11.89 -15.19
C THR B 84 -7.19 13.36 -14.91
N LEU B 85 -6.18 14.19 -14.59
CA LEU B 85 -6.41 15.57 -14.15
C LEU B 85 -5.94 16.52 -15.22
N ASP B 86 -6.86 17.32 -15.76
CA ASP B 86 -6.53 18.33 -16.77
C ASP B 86 -5.37 19.16 -16.30
N LYS B 87 -5.40 19.51 -15.02
CA LYS B 87 -4.43 20.42 -14.42
C LYS B 87 -3.71 19.77 -13.23
N PRO B 88 -2.60 20.39 -12.75
CA PRO B 88 -1.92 19.84 -11.59
C PRO B 88 -2.73 20.02 -10.33
N LYS B 89 -2.63 19.07 -9.43
CA LYS B 89 -3.38 19.12 -8.21
C LYS B 89 -2.41 19.40 -7.08
N ILE B 90 -2.76 20.41 -6.29
CA ILE B 90 -1.93 20.86 -5.19
C ILE B 90 -2.71 20.74 -3.88
N VAL B 91 -2.08 20.15 -2.88
CA VAL B 91 -2.62 20.19 -1.54
C VAL B 91 -1.61 20.85 -0.61
N LYS B 92 -2.11 21.71 0.27
CA LYS B 92 -1.31 22.43 1.26
C LYS B 92 -1.10 21.66 2.56
N TRP B 93 0.14 21.60 3.02
CA TRP B 93 0.36 21.17 4.40
C TRP B 93 -0.19 22.19 5.37
N ASP B 94 -0.90 21.70 6.38
CA ASP B 94 -1.11 22.46 7.60
C ASP B 94 -1.02 21.53 8.80
N ARG B 95 -0.37 22.00 9.85
CA ARG B 95 0.10 21.16 10.94
C ARG B 95 -1.02 20.53 11.79
N ASP B 96 -2.25 20.95 11.57
CA ASP B 96 -3.43 20.51 12.34
C ASP B 96 -4.19 19.37 11.66
N HIS B 97 -3.70 18.95 10.49
CA HIS B 97 -4.36 17.97 9.65
C HIS B 97 -3.35 16.88 9.27
N ALA C 1 9.52 -15.71 -0.49
CA ALA C 1 10.05 -16.46 -1.65
C ALA C 1 9.11 -16.37 -2.84
N LEU C 2 9.65 -15.90 -3.96
CA LEU C 2 8.86 -15.68 -5.16
C LEU C 2 8.29 -16.95 -5.77
N LEU C 3 7.06 -16.85 -6.25
CA LEU C 3 6.50 -17.87 -7.12
C LEU C 3 7.20 -17.78 -8.47
N SER C 4 7.44 -18.92 -9.10
CA SER C 4 8.01 -18.89 -10.44
C SER C 4 6.95 -19.29 -11.46
N SER C 5 6.72 -18.43 -12.44
CA SER C 5 5.79 -18.74 -13.52
C SER C 5 6.54 -18.84 -14.83
N LYS C 6 6.39 -19.98 -15.49
CA LYS C 6 7.04 -20.21 -16.78
C LYS C 6 6.12 -19.84 -17.95
N THR C 7 4.85 -19.57 -17.66
CA THR C 7 3.85 -19.40 -18.72
C THR C 7 3.19 -18.03 -18.76
N SER C 8 3.21 -17.41 -19.93
CA SER C 8 2.47 -16.17 -20.18
C SER C 8 0.99 -16.46 -20.36
N VAL C 9 0.17 -15.40 -20.30
CA VAL C 9 -1.25 -15.54 -20.58
C VAL C 9 -1.51 -16.16 -21.96
#